data_6G3T
#
_entry.id   6G3T
#
_cell.length_a   45.178
_cell.length_b   88.091
_cell.length_c   79.988
_cell.angle_alpha   90.000
_cell.angle_beta   89.880
_cell.angle_gamma   90.000
#
_symmetry.space_group_name_H-M   'P 1 21 1'
#
loop_
_entity.id
_entity.type
_entity.pdbx_description
1 polymer 'Histone-lysine N-methyltransferase NSD3'
2 non-polymer '4-(2-HYDROXYETHYL)-1-PIPERAZINE ETHANESULFONIC ACID'
3 water water
#
_entity_poly.entity_id   1
_entity_poly.type   'polypeptide(L)'
_entity_poly.pdbx_seq_one_letter_code
;GEAPVQPILSSVPTTEVSTGVKFQVGDLVWSKVGTYPWWPCMVSSDPQLEVHTKINTRGAREYHVQFFSNQPERAWVHEK
RVREYKGHKQYEELLAEATKQASNHSEKQKIRKPRPQRERAQWDIGIAHAEKALKMTREERIEQYTFIYIDKQ
;
_entity_poly.pdbx_strand_id   A,B,C,D
#
# COMPACT_ATOMS: atom_id res chain seq x y z
N VAL A 21 -8.76 13.78 17.70
CA VAL A 21 -10.08 13.97 17.08
C VAL A 21 -10.15 15.38 16.47
N LYS A 22 -10.44 15.46 15.15
CA LYS A 22 -10.52 16.72 14.41
C LYS A 22 -11.95 17.18 14.12
N PHE A 23 -12.90 16.24 14.14
CA PHE A 23 -14.30 16.52 13.83
C PHE A 23 -15.25 16.05 14.94
N GLN A 24 -16.41 16.72 15.04
CA GLN A 24 -17.50 16.43 16.00
C GLN A 24 -18.77 16.09 15.23
N VAL A 25 -19.78 15.49 15.92
CA VAL A 25 -21.09 15.16 15.33
C VAL A 25 -21.73 16.48 14.86
N GLY A 26 -22.11 16.54 13.59
CA GLY A 26 -22.72 17.72 13.00
C GLY A 26 -21.81 18.53 12.11
N ASP A 27 -20.49 18.27 12.15
CA ASP A 27 -19.50 18.95 11.31
C ASP A 27 -19.63 18.53 9.83
N LEU A 28 -19.50 19.50 8.90
CA LEU A 28 -19.60 19.26 7.46
C LEU A 28 -18.25 18.82 6.90
N VAL A 29 -18.23 17.69 6.20
CA VAL A 29 -16.98 17.15 5.64
C VAL A 29 -17.12 16.68 4.21
N TRP A 30 -15.98 16.53 3.52
CA TRP A 30 -15.88 15.93 2.20
C TRP A 30 -15.40 14.50 2.53
N SER A 31 -15.95 13.49 1.84
CA SER A 31 -15.53 12.09 2.06
C SER A 31 -15.34 11.35 0.76
N LYS A 32 -14.24 10.60 0.64
CA LYS A 32 -13.92 9.76 -0.52
C LYS A 32 -14.14 8.30 -0.10
N VAL A 33 -15.21 7.68 -0.61
CA VAL A 33 -15.60 6.30 -0.30
C VAL A 33 -15.70 5.50 -1.61
N GLY A 34 -14.95 4.41 -1.68
CA GLY A 34 -14.89 3.55 -2.86
C GLY A 34 -14.53 4.29 -4.13
N THR A 35 -15.41 4.23 -5.15
CA THR A 35 -15.21 4.90 -6.44
C THR A 35 -16.11 6.13 -6.61
N TYR A 36 -16.84 6.51 -5.54
CA TYR A 36 -17.66 7.71 -5.54
C TYR A 36 -16.71 8.90 -5.56
N PRO A 37 -17.06 10.04 -6.22
CA PRO A 37 -16.18 11.21 -6.14
C PRO A 37 -16.25 11.82 -4.72
N TRP A 38 -15.43 12.85 -4.41
CA TRP A 38 -15.48 13.50 -3.09
C TRP A 38 -16.92 13.99 -2.86
N TRP A 39 -17.57 13.40 -1.85
CA TRP A 39 -18.98 13.63 -1.54
C TRP A 39 -19.24 14.48 -0.29
N PRO A 40 -20.18 15.46 -0.35
CA PRO A 40 -20.51 16.23 0.86
C PRO A 40 -21.21 15.34 1.91
N CYS A 41 -20.68 15.37 3.14
CA CYS A 41 -21.18 14.58 4.27
C CYS A 41 -21.30 15.40 5.53
N MET A 42 -21.99 14.81 6.53
CA MET A 42 -22.15 15.34 7.87
C MET A 42 -21.65 14.25 8.79
N VAL A 43 -20.79 14.61 9.74
CA VAL A 43 -20.24 13.67 10.73
C VAL A 43 -21.38 13.31 11.69
N SER A 44 -21.60 12.01 11.92
CA SER A 44 -22.67 11.52 12.78
C SER A 44 -22.20 10.33 13.62
N SER A 45 -23.03 9.92 14.59
CA SER A 45 -22.76 8.79 15.47
C SER A 45 -23.39 7.53 14.88
N ASP A 46 -22.65 6.43 14.90
CA ASP A 46 -23.09 5.13 14.39
C ASP A 46 -24.29 4.67 15.23
N PRO A 47 -25.43 4.27 14.60
CA PRO A 47 -26.61 3.87 15.40
C PRO A 47 -26.40 2.65 16.30
N GLN A 48 -25.54 1.71 15.87
CA GLN A 48 -25.23 0.47 16.60
C GLN A 48 -24.09 0.61 17.62
N LEU A 49 -22.95 1.19 17.19
CA LEU A 49 -21.74 1.38 18.01
C LEU A 49 -21.82 2.52 19.01
N GLU A 50 -22.67 3.53 18.74
CA GLU A 50 -22.89 4.75 19.54
C GLU A 50 -21.66 5.66 19.60
N VAL A 51 -20.77 5.59 18.59
CA VAL A 51 -19.58 6.43 18.50
C VAL A 51 -19.48 7.04 17.11
N HIS A 52 -18.94 8.25 17.02
CA HIS A 52 -18.76 8.95 15.73
C HIS A 52 -17.31 8.82 15.28
N THR A 53 -16.43 8.37 16.20
CA THR A 53 -14.99 8.22 15.97
C THR A 53 -14.44 6.99 16.69
N LYS A 54 -13.42 6.37 16.11
CA LYS A 54 -12.74 5.21 16.68
C LYS A 54 -11.30 5.08 16.15
N ILE A 55 -10.52 4.19 16.78
CA ILE A 55 -9.14 3.90 16.39
C ILE A 55 -9.11 2.47 15.83
N ASN A 56 -8.57 2.32 14.62
CA ASN A 56 -8.36 1.05 13.90
C ASN A 56 -7.48 0.07 14.67
N THR A 57 -7.31 -1.15 14.11
CA THR A 57 -6.38 -2.15 14.65
C THR A 57 -4.92 -1.71 14.38
N ARG A 58 -4.71 -0.88 13.34
CA ARG A 58 -3.41 -0.33 12.94
C ARG A 58 -3.05 0.97 13.69
N GLY A 59 -4.03 1.53 14.41
CA GLY A 59 -3.83 2.75 15.20
C GLY A 59 -4.25 4.05 14.52
N ALA A 60 -4.96 3.96 13.38
CA ALA A 60 -5.42 5.14 12.64
C ALA A 60 -6.84 5.55 13.07
N ARG A 61 -7.13 6.87 13.00
CA ARG A 61 -8.46 7.39 13.35
C ARG A 61 -9.45 7.27 12.19
N GLU A 62 -10.68 6.89 12.53
CA GLU A 62 -11.78 6.77 11.58
C GLU A 62 -12.96 7.61 12.06
N TYR A 63 -13.80 8.06 11.14
CA TYR A 63 -14.99 8.85 11.46
C TYR A 63 -16.17 8.22 10.81
N HIS A 64 -17.36 8.40 11.43
CA HIS A 64 -18.60 7.92 10.85
C HIS A 64 -19.29 9.13 10.21
N VAL A 65 -19.69 9.00 8.94
CA VAL A 65 -20.37 10.07 8.23
C VAL A 65 -21.67 9.63 7.61
N GLN A 66 -22.52 10.61 7.35
CA GLN A 66 -23.76 10.36 6.62
C GLN A 66 -23.74 11.25 5.40
N PHE A 67 -23.88 10.64 4.23
CA PHE A 67 -23.85 11.31 2.93
C PHE A 67 -25.09 12.20 2.70
N PHE A 68 -24.86 13.39 2.11
CA PHE A 68 -25.94 14.29 1.71
C PHE A 68 -26.44 13.81 0.35
N SER A 69 -27.70 13.38 0.30
CA SER A 69 -28.33 12.82 -0.89
C SER A 69 -29.84 12.75 -0.65
N ASN A 70 -30.61 12.23 -1.62
CA ASN A 70 -32.03 12.00 -1.44
C ASN A 70 -32.20 10.68 -0.68
N GLN A 71 -31.37 9.67 -0.99
CA GLN A 71 -31.42 8.35 -0.35
C GLN A 71 -30.35 8.23 0.75
N PRO A 72 -30.73 7.79 1.98
CA PRO A 72 -29.74 7.75 3.07
C PRO A 72 -28.61 6.76 2.87
N GLU A 73 -27.38 7.22 3.14
CA GLU A 73 -26.15 6.44 3.04
C GLU A 73 -25.17 6.86 4.11
N ARG A 74 -24.50 5.88 4.70
CA ARG A 74 -23.54 6.09 5.77
C ARG A 74 -22.30 5.19 5.59
N ALA A 75 -21.15 5.62 6.16
CA ALA A 75 -19.90 4.86 6.09
C ALA A 75 -18.88 5.31 7.14
N TRP A 76 -18.02 4.37 7.58
CA TRP A 76 -16.88 4.60 8.46
C TRP A 76 -15.70 4.87 7.53
N VAL A 77 -15.22 6.13 7.54
CA VAL A 77 -14.17 6.63 6.64
C VAL A 77 -12.86 6.92 7.40
N HIS A 78 -11.71 6.53 6.81
CA HIS A 78 -10.36 6.77 7.35
C HIS A 78 -10.07 8.28 7.34
N GLU A 79 -9.32 8.76 8.36
CA GLU A 79 -8.93 10.17 8.58
C GLU A 79 -8.35 10.85 7.33
N LYS A 80 -7.51 10.12 6.54
CA LYS A 80 -6.88 10.60 5.31
C LYS A 80 -7.88 10.88 4.18
N ARG A 81 -9.09 10.29 4.27
CA ARG A 81 -10.16 10.43 3.29
C ARG A 81 -11.34 11.30 3.79
N VAL A 82 -11.11 12.05 4.89
CA VAL A 82 -12.10 12.97 5.49
C VAL A 82 -11.45 14.38 5.51
N ARG A 83 -12.10 15.36 4.88
CA ARG A 83 -11.62 16.76 4.80
C ARG A 83 -12.71 17.71 5.25
N GLU A 84 -12.35 18.90 5.74
CA GLU A 84 -13.31 19.92 6.17
C GLU A 84 -14.03 20.51 4.95
N TYR A 85 -15.38 20.62 5.04
CA TYR A 85 -16.21 21.19 3.99
C TYR A 85 -16.33 22.70 4.19
N LYS A 86 -15.68 23.48 3.34
CA LYS A 86 -15.67 24.95 3.39
C LYS A 86 -16.62 25.55 2.34
N GLY A 87 -16.87 24.81 1.25
CA GLY A 87 -17.73 25.20 0.15
C GLY A 87 -17.61 24.28 -1.04
N HIS A 88 -18.59 24.31 -1.95
CA HIS A 88 -18.63 23.46 -3.15
C HIS A 88 -17.44 23.69 -4.10
N LYS A 89 -16.95 24.94 -4.18
CA LYS A 89 -15.86 25.36 -5.07
C LYS A 89 -14.52 24.66 -4.79
N GLN A 90 -14.31 24.14 -3.57
CA GLN A 90 -13.06 23.45 -3.24
C GLN A 90 -13.02 21.99 -3.75
N TYR A 91 -14.06 21.55 -4.50
CA TYR A 91 -14.12 20.22 -5.10
C TYR A 91 -13.03 20.08 -6.17
N GLU A 92 -12.76 21.18 -6.91
CA GLU A 92 -11.73 21.25 -7.94
C GLU A 92 -10.32 21.14 -7.33
N GLU A 93 -10.15 21.61 -6.09
CA GLU A 93 -8.89 21.53 -5.33
C GLU A 93 -8.60 20.08 -4.94
N LEU A 94 -9.67 19.30 -4.64
CA LEU A 94 -9.60 17.88 -4.24
C LEU A 94 -9.35 16.99 -5.46
N LEU A 95 -10.00 17.31 -6.61
CA LEU A 95 -9.87 16.60 -7.87
C LEU A 95 -8.45 16.80 -8.43
N ALA A 96 -7.85 17.98 -8.17
CA ALA A 96 -6.48 18.33 -8.59
C ALA A 96 -5.45 17.46 -7.88
N GLU A 97 -5.71 17.10 -6.61
CA GLU A 97 -4.87 16.24 -5.77
C GLU A 97 -4.83 14.81 -6.35
N ALA A 98 -6.00 14.26 -6.74
CA ALA A 98 -6.12 12.94 -7.34
C ALA A 98 -5.98 12.98 -8.86
N ARG A 115 -19.10 9.79 -14.64
CA ARG A 115 -19.95 9.29 -13.55
C ARG A 115 -21.40 9.05 -14.01
N PRO A 116 -22.11 8.02 -13.46
CA PRO A 116 -23.50 7.77 -13.89
C PRO A 116 -24.46 8.93 -13.63
N GLN A 117 -25.44 9.14 -14.54
CA GLN A 117 -26.45 10.19 -14.46
C GLN A 117 -27.21 10.20 -13.15
N ARG A 118 -27.64 9.02 -12.66
CA ARG A 118 -28.37 8.88 -11.38
C ARG A 118 -27.52 9.37 -10.20
N GLU A 119 -26.23 9.02 -10.20
CA GLU A 119 -25.24 9.38 -9.18
C GLU A 119 -24.90 10.87 -9.21
N ARG A 120 -24.73 11.45 -10.42
CA ARG A 120 -24.43 12.87 -10.64
C ARG A 120 -25.54 13.74 -10.06
N ALA A 121 -26.81 13.37 -10.33
CA ALA A 121 -28.01 14.03 -9.87
C ALA A 121 -28.03 14.07 -8.33
N GLN A 122 -27.69 12.93 -7.69
CA GLN A 122 -27.64 12.75 -6.23
C GLN A 122 -26.54 13.61 -5.60
N TRP A 123 -25.41 13.79 -6.31
CA TRP A 123 -24.29 14.64 -5.90
C TRP A 123 -24.68 16.10 -5.90
N ASP A 124 -25.42 16.56 -6.94
CA ASP A 124 -25.94 17.93 -7.07
C ASP A 124 -26.92 18.27 -5.95
N ILE A 125 -27.80 17.31 -5.58
CA ILE A 125 -28.75 17.43 -4.48
C ILE A 125 -27.97 17.56 -3.15
N GLY A 126 -26.94 16.72 -2.99
CA GLY A 126 -26.06 16.69 -1.82
C GLY A 126 -25.30 17.98 -1.61
N ILE A 127 -24.82 18.59 -2.72
CA ILE A 127 -24.11 19.87 -2.70
C ILE A 127 -25.06 20.98 -2.25
N ALA A 128 -26.31 20.99 -2.75
CA ALA A 128 -27.34 21.96 -2.37
C ALA A 128 -27.68 21.85 -0.87
N HIS A 129 -27.73 20.63 -0.33
CA HIS A 129 -28.00 20.39 1.10
C HIS A 129 -26.84 20.84 1.97
N ALA A 130 -25.60 20.61 1.52
CA ALA A 130 -24.39 21.00 2.24
C ALA A 130 -24.21 22.51 2.27
N GLU A 131 -24.62 23.22 1.19
CA GLU A 131 -24.54 24.68 1.08
C GLU A 131 -25.53 25.38 2.00
N LYS A 132 -26.70 24.78 2.22
CA LYS A 132 -27.72 25.27 3.14
C LYS A 132 -27.26 25.06 4.58
N ALA A 133 -26.65 23.89 4.87
CA ALA A 133 -26.12 23.50 6.19
C ALA A 133 -24.92 24.36 6.64
N LEU A 134 -24.18 24.96 5.67
CA LEU A 134 -23.05 25.86 5.93
C LEU A 134 -23.56 27.15 6.58
N LYS A 135 -24.82 27.53 6.30
CA LYS A 135 -25.50 28.72 6.82
C LYS A 135 -26.12 28.48 8.21
N MET A 136 -25.96 27.26 8.75
CA MET A 136 -26.45 26.79 10.06
C MET A 136 -25.29 26.51 10.99
N THR A 137 -25.58 26.42 12.31
CA THR A 137 -24.57 26.03 13.31
C THR A 137 -24.57 24.49 13.36
N ARG A 138 -23.55 23.90 14.01
CA ARG A 138 -23.44 22.45 14.18
C ARG A 138 -24.71 21.87 14.82
N GLU A 139 -25.22 22.53 15.84
CA GLU A 139 -26.42 22.13 16.57
C GLU A 139 -27.69 22.08 15.73
N GLU A 140 -27.85 23.05 14.80
CA GLU A 140 -28.98 23.17 13.88
C GLU A 140 -28.93 22.08 12.82
N ARG A 141 -27.70 21.78 12.31
CA ARG A 141 -27.43 20.75 11.32
C ARG A 141 -27.86 19.36 11.82
N ILE A 142 -27.63 19.06 13.12
CA ILE A 142 -28.00 17.80 13.76
C ILE A 142 -29.54 17.62 13.75
N GLU A 143 -30.28 18.62 14.25
CA GLU A 143 -31.75 18.62 14.31
C GLU A 143 -32.43 18.52 12.92
N GLN A 144 -31.80 19.08 11.87
CA GLN A 144 -32.32 19.13 10.51
C GLN A 144 -31.95 17.93 9.63
N TYR A 145 -30.69 17.41 9.74
CA TYR A 145 -30.21 16.38 8.80
C TYR A 145 -29.92 14.97 9.36
N THR A 146 -29.84 14.76 10.69
CA THR A 146 -29.56 13.44 11.28
C THR A 146 -30.61 12.41 10.87
N PHE A 147 -30.13 11.26 10.31
CA PHE A 147 -30.96 10.16 9.84
C PHE A 147 -31.81 9.54 10.94
N ILE A 148 -33.03 9.17 10.57
CA ILE A 148 -34.00 8.50 11.44
C ILE A 148 -33.73 6.99 11.28
N TYR A 149 -33.48 6.32 12.41
CA TYR A 149 -33.18 4.90 12.45
C TYR A 149 -34.32 4.04 12.99
N ILE A 150 -34.69 3.02 12.21
CA ILE A 150 -35.71 2.04 12.51
C ILE A 150 -34.99 0.69 12.66
N ASP A 151 -35.24 -0.02 13.78
CA ASP A 151 -34.63 -1.33 14.12
C ASP A 151 -34.89 -2.44 13.09
N LYS A 152 -35.98 -2.32 12.28
CA LYS A 152 -36.38 -3.25 11.22
C LYS A 152 -35.25 -3.59 10.25
N VAL B 21 -29.33 2.20 -1.73
CA VAL B 21 -28.00 1.62 -1.56
C VAL B 21 -27.82 1.14 -0.12
N LYS B 22 -27.73 -0.18 0.10
CA LYS B 22 -27.58 -0.76 1.44
C LYS B 22 -26.12 -1.09 1.82
N PHE B 23 -25.23 -1.30 0.81
CA PHE B 23 -23.84 -1.67 1.06
C PHE B 23 -22.82 -0.77 0.35
N GLN B 24 -21.66 -0.58 0.97
CA GLN B 24 -20.53 0.23 0.48
C GLN B 24 -19.37 -0.69 0.12
N VAL B 25 -18.35 -0.18 -0.60
CA VAL B 25 -17.12 -0.90 -0.97
C VAL B 25 -16.42 -1.29 0.35
N GLY B 26 -16.14 -2.58 0.53
CA GLY B 26 -15.48 -3.09 1.73
C GLY B 26 -16.39 -3.79 2.71
N ASP B 27 -17.73 -3.65 2.55
CA ASP B 27 -18.73 -4.31 3.39
C ASP B 27 -18.76 -5.83 3.13
N LEU B 28 -18.89 -6.64 4.20
CA LEU B 28 -18.94 -8.10 4.13
C LEU B 28 -20.36 -8.57 3.87
N VAL B 29 -20.53 -9.38 2.84
CA VAL B 29 -21.84 -9.90 2.43
C VAL B 29 -21.86 -11.40 2.15
N TRP B 30 -23.06 -12.00 2.18
CA TRP B 30 -23.33 -13.37 1.76
C TRP B 30 -23.89 -13.19 0.34
N SER B 31 -23.49 -14.04 -0.62
CA SER B 31 -24.00 -13.94 -1.99
C SER B 31 -24.35 -15.30 -2.56
N LYS B 32 -25.52 -15.41 -3.22
CA LYS B 32 -26.00 -16.62 -3.88
C LYS B 32 -25.87 -16.41 -5.39
N VAL B 33 -24.90 -17.09 -6.02
CA VAL B 33 -24.61 -16.98 -7.45
C VAL B 33 -24.68 -18.37 -8.08
N GLY B 34 -25.54 -18.50 -9.09
CA GLY B 34 -25.77 -19.76 -9.80
C GLY B 34 -26.16 -20.89 -8.87
N THR B 35 -25.37 -21.99 -8.88
CA THR B 35 -25.60 -23.17 -8.04
C THR B 35 -24.60 -23.28 -6.87
N TYR B 36 -23.76 -22.25 -6.68
CA TYR B 36 -22.84 -22.18 -5.55
C TYR B 36 -23.69 -21.97 -4.29
N PRO B 37 -23.30 -22.51 -3.12
CA PRO B 37 -24.09 -22.20 -1.90
C PRO B 37 -23.85 -20.74 -1.49
N TRP B 38 -24.54 -20.23 -0.44
CA TRP B 38 -24.35 -18.86 0.04
C TRP B 38 -22.87 -18.70 0.40
N TRP B 39 -22.17 -17.82 -0.35
CA TRP B 39 -20.73 -17.63 -0.26
C TRP B 39 -20.31 -16.32 0.41
N PRO B 40 -19.31 -16.34 1.32
CA PRO B 40 -18.81 -15.07 1.90
C PRO B 40 -18.11 -14.21 0.85
N CYS B 41 -18.52 -12.93 0.76
CA CYS B 41 -18.02 -11.96 -0.21
C CYS B 41 -17.73 -10.62 0.44
N MET B 42 -17.01 -9.77 -0.32
CA MET B 42 -16.70 -8.38 0.04
C MET B 42 -17.21 -7.55 -1.13
N VAL B 43 -17.94 -6.47 -0.82
CA VAL B 43 -18.49 -5.56 -1.82
C VAL B 43 -17.32 -4.76 -2.38
N SER B 44 -17.18 -4.74 -3.69
CA SER B 44 -16.09 -4.01 -4.33
C SER B 44 -16.62 -3.25 -5.54
N SER B 45 -15.78 -2.41 -6.14
CA SER B 45 -16.16 -1.66 -7.31
C SER B 45 -15.69 -2.42 -8.54
N ASP B 46 -16.56 -2.55 -9.56
CA ASP B 46 -16.26 -3.22 -10.82
C ASP B 46 -15.05 -2.50 -11.48
N PRO B 47 -13.97 -3.23 -11.85
CA PRO B 47 -12.77 -2.57 -12.43
C PRO B 47 -13.00 -1.79 -13.72
N GLN B 48 -13.98 -2.22 -14.54
CA GLN B 48 -14.32 -1.60 -15.82
C GLN B 48 -15.31 -0.45 -15.71
N LEU B 49 -16.45 -0.68 -15.03
CA LEU B 49 -17.54 0.31 -14.87
C LEU B 49 -17.25 1.41 -13.83
N GLU B 50 -16.36 1.13 -12.85
CA GLU B 50 -15.95 2.04 -11.76
C GLU B 50 -17.10 2.35 -10.79
N VAL B 51 -17.99 1.38 -10.62
CA VAL B 51 -19.17 1.44 -9.73
C VAL B 51 -19.27 0.12 -8.99
N HIS B 52 -19.75 0.17 -7.74
CA HIS B 52 -19.94 -1.00 -6.88
C HIS B 52 -21.45 -1.39 -6.82
N THR B 53 -22.32 -0.51 -7.34
CA THR B 53 -23.77 -0.66 -7.37
C THR B 53 -24.37 0.03 -8.61
N LYS B 54 -25.48 -0.50 -9.11
CA LYS B 54 -26.20 0.02 -10.28
C LYS B 54 -27.66 -0.38 -10.24
N ILE B 55 -28.48 0.22 -11.11
CA ILE B 55 -29.90 -0.08 -11.29
C ILE B 55 -30.04 -0.75 -12.66
N ASN B 56 -30.51 -2.01 -12.67
CA ASN B 56 -30.68 -2.75 -13.93
C ASN B 56 -31.88 -2.24 -14.76
N THR B 57 -32.01 -2.72 -16.00
CA THR B 57 -33.04 -2.31 -16.97
C THR B 57 -34.47 -2.49 -16.41
N ARG B 58 -34.64 -3.42 -15.44
CA ARG B 58 -35.93 -3.71 -14.80
C ARG B 58 -36.19 -2.80 -13.59
N GLY B 59 -35.16 -2.05 -13.16
CA GLY B 59 -35.26 -1.12 -12.04
C GLY B 59 -34.84 -1.66 -10.69
N ALA B 60 -34.18 -2.83 -10.67
CA ALA B 60 -33.71 -3.47 -9.44
C ALA B 60 -32.26 -3.10 -9.18
N ARG B 61 -31.88 -3.04 -7.90
CA ARG B 61 -30.49 -2.70 -7.52
C ARG B 61 -29.61 -3.94 -7.53
N GLU B 62 -28.40 -3.78 -8.06
CA GLU B 62 -27.38 -4.82 -8.14
C GLU B 62 -26.12 -4.36 -7.43
N TYR B 63 -25.30 -5.32 -7.01
CA TYR B 63 -24.03 -5.04 -6.31
C TYR B 63 -22.90 -5.82 -6.90
N HIS B 64 -21.71 -5.20 -6.96
CA HIS B 64 -20.53 -5.91 -7.42
C HIS B 64 -19.83 -6.48 -6.20
N VAL B 65 -19.63 -7.82 -6.17
CA VAL B 65 -18.95 -8.48 -5.06
C VAL B 65 -17.72 -9.26 -5.53
N GLN B 66 -16.80 -9.49 -4.61
CA GLN B 66 -15.65 -10.34 -4.87
C GLN B 66 -15.69 -11.46 -3.83
N PHE B 67 -15.69 -12.70 -4.31
CA PHE B 67 -15.76 -13.91 -3.48
C PHE B 67 -14.48 -14.14 -2.67
N PHE B 68 -14.64 -14.58 -1.41
CA PHE B 68 -13.52 -14.95 -0.54
C PHE B 68 -13.17 -16.41 -0.88
N SER B 69 -11.98 -16.63 -1.43
CA SER B 69 -11.49 -17.94 -1.86
C SER B 69 -9.98 -17.82 -2.09
N ASN B 70 -9.31 -18.93 -2.48
CA ASN B 70 -7.89 -18.92 -2.83
C ASN B 70 -7.77 -18.34 -4.25
N GLN B 71 -8.73 -18.66 -5.14
CA GLN B 71 -8.75 -18.17 -6.51
C GLN B 71 -9.72 -16.99 -6.67
N PRO B 72 -9.28 -15.86 -7.25
CA PRO B 72 -10.18 -14.70 -7.39
C PRO B 72 -11.40 -14.93 -8.28
N GLU B 73 -12.56 -14.48 -7.78
CA GLU B 73 -13.86 -14.56 -8.47
C GLU B 73 -14.71 -13.37 -8.11
N ARG B 74 -15.42 -12.85 -9.12
CA ARG B 74 -16.27 -11.68 -8.97
C ARG B 74 -17.58 -11.84 -9.73
N ALA B 75 -18.63 -11.13 -9.29
CA ALA B 75 -19.95 -11.16 -9.93
C ALA B 75 -20.80 -9.97 -9.54
N TRP B 76 -21.69 -9.56 -10.45
CA TRP B 76 -22.72 -8.55 -10.28
C TRP B 76 -23.96 -9.34 -9.82
N VAL B 77 -24.32 -9.17 -8.53
CA VAL B 77 -25.39 -9.91 -7.85
C VAL B 77 -26.61 -9.01 -7.55
N HIS B 78 -27.82 -9.53 -7.80
CA HIS B 78 -29.10 -8.88 -7.54
C HIS B 78 -29.29 -8.67 -6.03
N GLU B 79 -29.93 -7.54 -5.63
CA GLU B 79 -30.19 -7.15 -4.23
C GLU B 79 -30.80 -8.26 -3.37
N LYS B 80 -31.75 -9.05 -3.93
CA LYS B 80 -32.43 -10.15 -3.25
C LYS B 80 -31.51 -11.33 -2.92
N ARG B 81 -30.35 -11.40 -3.60
CA ARG B 81 -29.35 -12.45 -3.43
C ARG B 81 -28.07 -11.96 -2.71
N VAL B 82 -28.14 -10.75 -2.08
CA VAL B 82 -27.05 -10.14 -1.31
C VAL B 82 -27.58 -9.91 0.11
N ARG B 83 -26.90 -10.47 1.13
CA ARG B 83 -27.27 -10.33 2.54
C ARG B 83 -26.07 -9.85 3.37
N GLU B 84 -26.31 -9.21 4.50
CA GLU B 84 -25.23 -8.73 5.38
C GLU B 84 -24.56 -9.94 6.07
N TYR B 85 -23.22 -9.96 6.09
CA TYR B 85 -22.42 -11.02 6.72
C TYR B 85 -22.17 -10.63 8.17
N LYS B 86 -22.83 -11.34 9.11
CA LYS B 86 -22.72 -11.11 10.54
C LYS B 86 -21.81 -12.15 11.22
N GLY B 87 -21.71 -13.33 10.60
CA GLY B 87 -20.91 -14.44 11.06
C GLY B 87 -21.20 -15.72 10.31
N HIS B 88 -20.28 -16.71 10.39
CA HIS B 88 -20.40 -18.01 9.72
C HIS B 88 -21.65 -18.81 10.14
N LYS B 89 -22.05 -18.69 11.41
CA LYS B 89 -23.19 -19.42 12.01
C LYS B 89 -24.54 -19.11 11.38
N GLN B 90 -24.70 -17.95 10.72
CA GLN B 90 -25.97 -17.59 10.09
C GLN B 90 -26.16 -18.27 8.70
N TYR B 91 -25.22 -19.15 8.31
CA TYR B 91 -25.32 -19.91 7.06
C TYR B 91 -26.51 -20.89 7.13
N GLU B 92 -26.74 -21.46 8.34
CA GLU B 92 -27.85 -22.38 8.62
C GLU B 92 -29.20 -21.67 8.51
N GLU B 93 -29.24 -20.36 8.82
CA GLU B 93 -30.43 -19.50 8.74
C GLU B 93 -30.80 -19.26 7.26
N LEU B 94 -29.78 -19.16 6.39
CA LEU B 94 -29.92 -18.95 4.95
C LEU B 94 -30.32 -20.24 4.24
N LEU B 95 -29.75 -21.38 4.66
CA LEU B 95 -30.04 -22.72 4.12
C LEU B 95 -31.48 -23.11 4.49
N ALA B 96 -31.97 -22.67 5.66
CA ALA B 96 -33.32 -22.91 6.15
C ALA B 96 -34.36 -22.23 5.26
N GLU B 97 -34.02 -21.04 4.72
CA GLU B 97 -34.87 -20.25 3.82
C GLU B 97 -35.07 -21.00 2.49
N ALA B 98 -33.98 -21.54 1.92
CA ALA B 98 -34.01 -22.30 0.67
C ALA B 98 -34.28 -23.79 0.93
N PRO B 114 -24.87 -31.85 -2.19
CA PRO B 114 -23.80 -32.71 -2.72
C PRO B 114 -22.71 -31.90 -3.44
N ARG B 115 -22.09 -30.96 -2.72
CA ARG B 115 -21.10 -30.03 -3.28
C ARG B 115 -19.72 -30.68 -3.55
N PRO B 116 -19.04 -30.31 -4.67
CA PRO B 116 -17.71 -30.90 -4.94
C PRO B 116 -16.66 -30.59 -3.87
N GLN B 117 -15.76 -31.58 -3.62
CA GLN B 117 -14.67 -31.48 -2.63
C GLN B 117 -13.80 -30.24 -2.83
N ARG B 118 -13.39 -29.95 -4.09
CA ARG B 118 -12.58 -28.77 -4.42
C ARG B 118 -13.28 -27.46 -4.02
N GLU B 119 -14.59 -27.37 -4.29
CA GLU B 119 -15.44 -26.22 -3.99
C GLU B 119 -15.68 -26.05 -2.49
N ARG B 120 -15.92 -27.16 -1.75
CA ARG B 120 -16.12 -27.13 -0.30
C ARG B 120 -14.90 -26.56 0.38
N ALA B 121 -13.70 -27.06 0.00
CA ALA B 121 -12.41 -26.61 0.52
C ALA B 121 -12.25 -25.10 0.35
N GLN B 122 -12.63 -24.57 -0.84
CA GLN B 122 -12.58 -23.14 -1.17
C GLN B 122 -13.54 -22.31 -0.34
N TRP B 123 -14.71 -22.89 0.03
CA TRP B 123 -15.72 -22.29 0.88
C TRP B 123 -15.20 -22.15 2.31
N ASP B 124 -14.52 -23.19 2.83
CA ASP B 124 -13.91 -23.21 4.17
C ASP B 124 -12.82 -22.15 4.30
N ILE B 125 -12.00 -21.97 3.24
CA ILE B 125 -10.95 -20.95 3.15
C ILE B 125 -11.61 -19.55 3.17
N GLY B 126 -12.68 -19.40 2.39
CA GLY B 126 -13.46 -18.17 2.28
C GLY B 126 -14.11 -17.74 3.58
N ILE B 127 -14.62 -18.72 4.36
CA ILE B 127 -15.22 -18.49 5.69
C ILE B 127 -14.15 -17.99 6.66
N ALA B 128 -12.95 -18.61 6.64
CA ALA B 128 -11.80 -18.22 7.47
C ALA B 128 -11.36 -16.78 7.16
N HIS B 129 -11.35 -16.38 5.87
CA HIS B 129 -10.99 -15.03 5.43
C HIS B 129 -12.05 -14.01 5.86
N ALA B 130 -13.33 -14.37 5.79
CA ALA B 130 -14.45 -13.50 6.18
C ALA B 130 -14.51 -13.27 7.67
N GLU B 131 -14.12 -14.28 8.47
CA GLU B 131 -14.09 -14.22 9.93
C GLU B 131 -12.98 -13.31 10.45
N LYS B 132 -11.84 -13.28 9.73
CA LYS B 132 -10.70 -12.40 10.04
C LYS B 132 -11.05 -10.95 9.67
N ALA B 133 -11.74 -10.75 8.52
CA ALA B 133 -12.19 -9.46 8.02
C ALA B 133 -13.27 -8.81 8.89
N LEU B 134 -14.04 -9.63 9.65
CA LEU B 134 -15.07 -9.15 10.60
C LEU B 134 -14.41 -8.39 11.75
N LYS B 135 -13.16 -8.73 12.08
CA LYS B 135 -12.33 -8.15 13.14
C LYS B 135 -11.61 -6.85 12.68
N MET B 136 -11.82 -6.46 11.40
CA MET B 136 -11.26 -5.27 10.74
C MET B 136 -12.38 -4.28 10.43
N THR B 137 -12.01 -3.02 10.17
CA THR B 137 -12.97 -2.00 9.73
C THR B 137 -13.06 -2.10 8.20
N ARG B 138 -14.09 -1.52 7.54
CA ARG B 138 -14.18 -1.63 6.08
C ARG B 138 -12.93 -1.10 5.39
N GLU B 139 -12.39 0.04 5.86
CA GLU B 139 -11.15 0.65 5.35
C GLU B 139 -9.99 -0.35 5.34
N GLU B 140 -9.87 -1.17 6.41
CA GLU B 140 -8.87 -2.22 6.61
C GLU B 140 -9.09 -3.45 5.73
N ARG B 141 -10.37 -3.84 5.47
CA ARG B 141 -10.71 -4.98 4.62
C ARG B 141 -10.34 -4.63 3.18
N ILE B 142 -10.58 -3.36 2.77
CA ILE B 142 -10.28 -2.84 1.42
C ILE B 142 -8.80 -3.02 1.11
N GLU B 143 -7.90 -2.45 1.94
CA GLU B 143 -6.43 -2.51 1.79
C GLU B 143 -5.88 -3.94 1.78
N GLN B 144 -6.51 -4.86 2.52
CA GLN B 144 -6.07 -6.25 2.65
C GLN B 144 -6.61 -7.23 1.61
N TYR B 145 -7.89 -7.08 1.20
CA TYR B 145 -8.53 -8.07 0.34
C TYR B 145 -8.91 -7.65 -1.11
N THR B 146 -8.88 -6.34 -1.47
CA THR B 146 -9.23 -5.89 -2.84
C THR B 146 -8.32 -6.52 -3.89
N PHE B 147 -8.93 -7.16 -4.92
CA PHE B 147 -8.22 -7.83 -6.02
C PHE B 147 -7.39 -6.87 -6.84
N ILE B 148 -6.22 -7.35 -7.27
CA ILE B 148 -5.28 -6.61 -8.11
C ILE B 148 -5.69 -6.87 -9.57
N TYR B 149 -5.94 -5.80 -10.34
CA TYR B 149 -6.36 -5.90 -11.73
C TYR B 149 -5.27 -5.56 -12.72
N ILE B 150 -4.92 -6.55 -13.57
CA ILE B 150 -3.88 -6.48 -14.61
C ILE B 150 -4.48 -6.40 -16.02
N VAL C 21 25.93 3.10 -9.15
CA VAL C 21 25.02 2.09 -8.61
C VAL C 21 23.67 2.76 -8.29
N LYS C 22 22.58 2.21 -8.84
CA LYS C 22 21.21 2.70 -8.69
C LYS C 22 20.37 1.90 -7.70
N PHE C 23 20.65 0.59 -7.52
CA PHE C 23 19.89 -0.30 -6.62
C PHE C 23 20.73 -0.98 -5.53
N GLN C 24 20.11 -1.18 -4.36
CA GLN C 24 20.69 -1.81 -3.17
C GLN C 24 19.99 -3.13 -2.91
N VAL C 25 20.58 -4.01 -2.06
CA VAL C 25 20.01 -5.29 -1.64
C VAL C 25 18.67 -5.00 -0.94
N GLY C 26 17.60 -5.61 -1.42
CA GLY C 26 16.27 -5.41 -0.84
C GLY C 26 15.35 -4.52 -1.64
N ASP C 27 15.91 -3.78 -2.64
CA ASP C 27 15.14 -2.90 -3.52
C ASP C 27 14.25 -3.71 -4.48
N LEU C 28 12.99 -3.25 -4.71
CA LEU C 28 12.04 -3.89 -5.61
C LEU C 28 12.27 -3.43 -7.04
N VAL C 29 12.44 -4.38 -7.96
CA VAL C 29 12.70 -4.09 -9.37
C VAL C 29 11.85 -4.91 -10.34
N TRP C 30 11.73 -4.43 -11.58
CA TRP C 30 11.13 -5.14 -12.70
C TRP C 30 12.36 -5.69 -13.45
N SER C 31 12.31 -6.94 -13.92
CA SER C 31 13.42 -7.52 -14.67
C SER C 31 12.96 -8.28 -15.89
N LYS C 32 13.63 -8.07 -17.04
CA LYS C 32 13.37 -8.75 -18.31
C LYS C 32 14.50 -9.74 -18.54
N VAL C 33 14.20 -11.05 -18.38
CA VAL C 33 15.15 -12.15 -18.52
C VAL C 33 14.64 -13.14 -19.57
N GLY C 34 15.44 -13.38 -20.61
CA GLY C 34 15.10 -14.28 -21.71
C GLY C 34 13.81 -13.91 -22.40
N THR C 35 12.85 -14.86 -22.43
CA THR C 35 11.53 -14.67 -23.04
C THR C 35 10.41 -14.48 -21.99
N TYR C 36 10.78 -14.42 -20.70
CA TYR C 36 9.84 -14.16 -19.63
C TYR C 36 9.34 -12.72 -19.78
N PRO C 37 8.08 -12.39 -19.46
CA PRO C 37 7.68 -10.97 -19.51
C PRO C 37 8.35 -10.20 -18.35
N TRP C 38 8.18 -8.85 -18.27
CA TRP C 38 8.75 -8.06 -17.17
C TRP C 38 8.24 -8.65 -15.85
N TRP C 39 9.16 -9.18 -15.05
CA TRP C 39 8.87 -9.90 -13.81
C TRP C 39 9.21 -9.13 -12.53
N PRO C 40 8.32 -9.12 -11.50
CA PRO C 40 8.69 -8.49 -10.22
C PRO C 40 9.81 -9.25 -9.51
N CYS C 41 10.87 -8.52 -9.11
CA CYS C 41 12.04 -9.05 -8.45
C CYS C 41 12.46 -8.21 -7.24
N MET C 42 13.37 -8.77 -6.44
CA MET C 42 14.02 -8.12 -5.31
C MET C 42 15.51 -8.24 -5.58
N VAL C 43 16.25 -7.14 -5.43
CA VAL C 43 17.70 -7.10 -5.63
C VAL C 43 18.32 -7.85 -4.44
N SER C 44 19.13 -8.88 -4.75
CA SER C 44 19.79 -9.72 -3.75
C SER C 44 21.26 -9.92 -4.07
N SER C 45 22.03 -10.39 -3.08
CA SER C 45 23.45 -10.67 -3.24
C SER C 45 23.60 -12.09 -3.80
N ASP C 46 24.68 -12.33 -4.59
CA ASP C 46 24.97 -13.64 -5.17
C ASP C 46 25.52 -14.53 -4.05
N PRO C 47 24.91 -15.72 -3.78
CA PRO C 47 25.43 -16.58 -2.71
C PRO C 47 26.90 -16.97 -2.87
N GLN C 48 27.38 -17.13 -4.11
CA GLN C 48 28.75 -17.51 -4.45
C GLN C 48 29.69 -16.31 -4.60
N LEU C 49 29.28 -15.27 -5.37
CA LEU C 49 30.10 -14.08 -5.63
C LEU C 49 30.16 -13.06 -4.49
N GLU C 50 29.16 -13.08 -3.58
CA GLU C 50 29.03 -12.19 -2.42
C GLU C 50 28.86 -10.70 -2.80
N VAL C 51 28.27 -10.43 -3.97
CA VAL C 51 27.96 -9.11 -4.53
C VAL C 51 26.56 -9.12 -5.16
N HIS C 52 25.90 -7.95 -5.20
CA HIS C 52 24.58 -7.77 -5.80
C HIS C 52 24.72 -6.97 -7.10
N THR C 53 25.94 -6.43 -7.34
CA THR C 53 26.25 -5.61 -8.50
C THR C 53 27.72 -5.83 -8.92
N LYS C 54 27.97 -5.68 -10.23
CA LYS C 54 29.29 -5.83 -10.86
C LYS C 54 29.35 -5.12 -12.21
N ILE C 55 30.56 -5.03 -12.80
CA ILE C 55 30.82 -4.44 -14.10
C ILE C 55 31.26 -5.57 -15.04
N ASN C 56 30.53 -5.82 -16.16
CA ASN C 56 30.94 -6.87 -17.10
C ASN C 56 32.13 -6.42 -17.96
N THR C 57 32.75 -7.36 -18.73
CA THR C 57 33.94 -7.15 -19.57
C THR C 57 33.78 -5.98 -20.57
N ARG C 58 32.52 -5.67 -20.93
CA ARG C 58 32.16 -4.58 -21.85
C ARG C 58 32.05 -3.22 -21.14
N GLY C 59 32.04 -3.24 -19.80
CA GLY C 59 31.99 -2.04 -18.97
C GLY C 59 30.61 -1.61 -18.50
N ALA C 60 29.59 -2.47 -18.70
CA ALA C 60 28.22 -2.18 -18.29
C ALA C 60 27.93 -2.75 -16.90
N ARG C 61 27.05 -2.07 -16.14
CA ARG C 61 26.66 -2.52 -14.81
C ARG C 61 25.58 -3.61 -14.87
N GLU C 62 25.70 -4.60 -13.99
CA GLU C 62 24.76 -5.70 -13.84
C GLU C 62 24.28 -5.77 -12.40
N TYR C 63 23.04 -6.27 -12.21
CA TYR C 63 22.41 -6.42 -10.90
C TYR C 63 21.92 -7.83 -10.69
N HIS C 64 22.16 -8.38 -9.49
CA HIS C 64 21.71 -9.72 -9.13
C HIS C 64 20.30 -9.62 -8.52
N VAL C 65 19.33 -10.35 -9.10
CA VAL C 65 17.94 -10.30 -8.65
C VAL C 65 17.36 -11.67 -8.32
N GLN C 66 16.41 -11.70 -7.39
CA GLN C 66 15.67 -12.92 -7.08
C GLN C 66 14.21 -12.68 -7.44
N PHE C 67 13.67 -13.54 -8.31
CA PHE C 67 12.30 -13.45 -8.81
C PHE C 67 11.25 -13.76 -7.76
N PHE C 68 10.14 -13.00 -7.76
CA PHE C 68 9.01 -13.24 -6.87
C PHE C 68 8.14 -14.31 -7.54
N SER C 69 8.04 -15.48 -6.91
CA SER C 69 7.35 -16.68 -7.43
C SER C 69 7.24 -17.72 -6.30
N ASN C 70 6.43 -18.78 -6.50
CA ASN C 70 6.31 -19.90 -5.55
C ASN C 70 7.62 -20.70 -5.53
N GLN C 71 8.25 -20.85 -6.71
CA GLN C 71 9.52 -21.55 -6.86
C GLN C 71 10.69 -20.55 -6.97
N PRO C 72 11.75 -20.71 -6.14
CA PRO C 72 12.87 -19.76 -6.20
C PRO C 72 13.64 -19.73 -7.52
N GLU C 73 13.93 -18.52 -8.00
CA GLU C 73 14.68 -18.25 -9.23
C GLU C 73 15.50 -16.99 -9.09
N ARG C 74 16.72 -17.01 -9.62
CA ARG C 74 17.67 -15.91 -9.57
C ARG C 74 18.46 -15.75 -10.87
N ALA C 75 18.99 -14.54 -11.13
CA ALA C 75 19.78 -14.23 -12.34
C ALA C 75 20.55 -12.91 -12.25
N TRP C 76 21.67 -12.81 -12.98
CA TRP C 76 22.44 -11.58 -13.13
C TRP C 76 21.86 -10.84 -14.35
N VAL C 77 21.20 -9.67 -14.10
CA VAL C 77 20.51 -8.88 -15.14
C VAL C 77 21.24 -7.57 -15.47
N HIS C 78 21.34 -7.24 -16.77
CA HIS C 78 21.97 -6.01 -17.29
C HIS C 78 21.16 -4.79 -16.85
N GLU C 79 21.83 -3.65 -16.56
CA GLU C 79 21.24 -2.39 -16.11
C GLU C 79 20.04 -1.90 -16.94
N LYS C 80 20.13 -2.04 -18.28
CA LYS C 80 19.08 -1.64 -19.24
C LYS C 80 17.80 -2.49 -19.13
N ARG C 81 17.91 -3.68 -18.51
CA ARG C 81 16.82 -4.62 -18.30
C ARG C 81 16.34 -4.69 -16.83
N VAL C 82 16.77 -3.71 -16.00
CA VAL C 82 16.38 -3.58 -14.59
C VAL C 82 15.73 -2.19 -14.42
N ARG C 83 14.47 -2.17 -13.93
CA ARG C 83 13.71 -0.93 -13.70
C ARG C 83 13.18 -0.90 -12.27
N GLU C 84 12.93 0.30 -11.73
CA GLU C 84 12.40 0.44 -10.38
C GLU C 84 10.94 -0.01 -10.35
N TYR C 85 10.57 -0.82 -9.34
CA TYR C 85 9.20 -1.31 -9.16
C TYR C 85 8.43 -0.32 -8.30
N LYS C 86 7.49 0.40 -8.93
CA LYS C 86 6.65 1.41 -8.27
C LYS C 86 5.25 0.88 -7.99
N GLY C 87 4.82 -0.10 -8.79
CA GLY C 87 3.51 -0.75 -8.68
C GLY C 87 3.21 -1.63 -9.88
N HIS C 88 2.24 -2.55 -9.72
CA HIS C 88 1.83 -3.48 -10.78
C HIS C 88 1.32 -2.79 -12.05
N LYS C 89 0.65 -1.64 -11.90
CA LYS C 89 0.04 -0.87 -12.99
C LYS C 89 1.02 -0.35 -14.04
N GLN C 90 2.32 -0.20 -13.69
CA GLN C 90 3.32 0.27 -14.64
C GLN C 90 3.82 -0.84 -15.59
N TYR C 91 3.23 -2.06 -15.50
CA TYR C 91 3.57 -3.18 -16.40
C TYR C 91 3.15 -2.84 -17.83
N GLU C 92 2.01 -2.13 -17.99
CA GLU C 92 1.48 -1.68 -19.27
C GLU C 92 2.39 -0.65 -19.92
N GLU C 93 3.11 0.16 -19.10
CA GLU C 93 4.07 1.17 -19.54
C GLU C 93 5.31 0.50 -20.12
N LEU C 94 5.70 -0.65 -19.54
CA LEU C 94 6.85 -1.45 -19.97
C LEU C 94 6.55 -2.26 -21.24
N LEU C 95 5.32 -2.80 -21.33
CA LEU C 95 4.83 -3.57 -22.48
C LEU C 95 4.70 -2.64 -23.70
N ALA C 96 4.34 -1.35 -23.46
CA ALA C 96 4.21 -0.32 -24.49
C ALA C 96 5.55 -0.02 -25.15
N GLU C 97 6.65 -0.08 -24.37
CA GLU C 97 8.02 0.15 -24.82
C GLU C 97 8.45 -0.95 -25.79
N ALA C 98 8.16 -2.23 -25.46
CA ALA C 98 8.48 -3.38 -26.29
C ALA C 98 7.35 -3.70 -27.26
N PRO C 114 1.39 -15.08 -26.60
CA PRO C 114 0.92 -16.23 -25.81
C PRO C 114 1.94 -16.67 -24.76
N ARG C 115 1.48 -16.84 -23.49
CA ARG C 115 2.33 -17.25 -22.37
C ARG C 115 1.76 -18.49 -21.67
N PRO C 116 2.62 -19.43 -21.19
CA PRO C 116 2.10 -20.68 -20.58
C PRO C 116 1.33 -20.47 -19.29
N GLN C 117 0.27 -21.30 -19.08
CA GLN C 117 -0.63 -21.29 -17.91
C GLN C 117 0.14 -21.35 -16.58
N ARG C 118 1.12 -22.29 -16.48
CA ARG C 118 1.96 -22.46 -15.28
C ARG C 118 2.74 -21.18 -14.96
N GLU C 119 3.31 -20.55 -16.00
CA GLU C 119 4.10 -19.31 -15.90
C GLU C 119 3.25 -18.09 -15.53
N ARG C 120 2.05 -17.97 -16.13
CA ARG C 120 1.10 -16.88 -15.88
C ARG C 120 0.69 -16.86 -14.41
N ALA C 121 0.38 -18.05 -13.87
CA ALA C 121 -0.02 -18.27 -12.48
C ALA C 121 1.09 -17.80 -11.53
N GLN C 122 2.37 -18.14 -11.86
CA GLN C 122 3.56 -17.77 -11.10
C GLN C 122 3.81 -16.27 -11.10
N TRP C 123 3.48 -15.59 -12.23
CA TRP C 123 3.59 -14.14 -12.39
C TRP C 123 2.59 -13.42 -11.48
N ASP C 124 1.33 -13.94 -11.41
CA ASP C 124 0.25 -13.40 -10.56
C ASP C 124 0.61 -13.49 -9.08
N ILE C 125 1.24 -14.61 -8.67
CA ILE C 125 1.73 -14.85 -7.30
C ILE C 125 2.84 -13.84 -6.99
N GLY C 126 3.76 -13.67 -7.95
CA GLY C 126 4.88 -12.74 -7.87
C GLY C 126 4.47 -11.30 -7.70
N ILE C 127 3.40 -10.88 -8.42
CA ILE C 127 2.83 -9.54 -8.36
C ILE C 127 2.24 -9.29 -6.96
N ALA C 128 1.52 -10.29 -6.41
CA ALA C 128 0.94 -10.24 -5.06
C ALA C 128 2.03 -10.10 -3.98
N HIS C 129 3.17 -10.80 -4.15
CA HIS C 129 4.31 -10.72 -3.22
C HIS C 129 5.00 -9.36 -3.28
N ALA C 130 5.14 -8.81 -4.50
CA ALA C 130 5.77 -7.51 -4.73
C ALA C 130 4.93 -6.36 -4.18
N GLU C 131 3.59 -6.49 -4.23
CA GLU C 131 2.64 -5.48 -3.74
C GLU C 131 2.63 -5.42 -2.22
N LYS C 132 2.85 -6.56 -1.54
CA LYS C 132 2.94 -6.66 -0.08
C LYS C 132 4.28 -6.06 0.37
N ALA C 133 5.37 -6.33 -0.37
CA ALA C 133 6.73 -5.83 -0.11
C ALA C 133 6.86 -4.32 -0.29
N LEU C 134 5.99 -3.71 -1.13
CA LEU C 134 5.95 -2.26 -1.35
C LEU C 134 5.50 -1.53 -0.08
N LYS C 135 4.71 -2.21 0.76
CA LYS C 135 4.18 -1.72 2.04
C LYS C 135 5.20 -1.88 3.19
N MET C 136 6.40 -2.44 2.89
CA MET C 136 7.53 -2.68 3.80
C MET C 136 8.71 -1.78 3.40
N THR C 137 9.70 -1.63 4.30
CA THR C 137 10.93 -0.90 3.99
C THR C 137 11.90 -1.91 3.36
N ARG C 138 13.01 -1.41 2.77
CA ARG C 138 14.08 -2.21 2.16
C ARG C 138 14.55 -3.31 3.13
N GLU C 139 14.81 -2.92 4.40
CA GLU C 139 15.27 -3.76 5.51
C GLU C 139 14.32 -4.90 5.89
N GLU C 140 13.00 -4.64 5.83
CA GLU C 140 11.96 -5.60 6.15
C GLU C 140 11.83 -6.66 5.05
N ARG C 141 11.97 -6.23 3.78
CA ARG C 141 11.92 -7.08 2.58
C ARG C 141 13.04 -8.13 2.59
N ILE C 142 14.25 -7.75 3.11
CA ILE C 142 15.41 -8.65 3.23
C ILE C 142 15.07 -9.80 4.20
N GLU C 143 14.61 -9.47 5.42
CA GLU C 143 14.25 -10.41 6.48
C GLU C 143 13.10 -11.36 6.07
N GLN C 144 12.15 -10.87 5.26
CA GLN C 144 10.98 -11.63 4.82
C GLN C 144 11.14 -12.45 3.54
N TYR C 145 11.87 -11.93 2.52
CA TYR C 145 11.91 -12.59 1.22
C TYR C 145 13.26 -13.17 0.75
N THR C 146 14.41 -12.86 1.40
CA THR C 146 15.73 -13.39 0.98
C THR C 146 15.75 -14.93 1.00
N PHE C 147 16.14 -15.55 -0.15
CA PHE C 147 16.22 -17.00 -0.32
C PHE C 147 17.19 -17.66 0.65
N VAL D 21 15.57 9.54 18.39
CA VAL D 21 16.45 9.85 17.27
C VAL D 21 17.87 10.12 17.80
N LYS D 22 18.85 9.35 17.30
CA LYS D 22 20.25 9.48 17.71
C LYS D 22 21.12 10.24 16.71
N PHE D 23 20.63 10.44 15.47
CA PHE D 23 21.40 11.11 14.42
C PHE D 23 20.63 12.22 13.68
N GLN D 24 21.34 13.31 13.33
CA GLN D 24 20.78 14.46 12.61
C GLN D 24 21.40 14.55 11.22
N VAL D 25 20.81 15.34 10.30
CA VAL D 25 21.31 15.57 8.94
C VAL D 25 22.70 16.20 9.07
N GLY D 26 23.70 15.57 8.45
CA GLY D 26 25.08 16.06 8.48
C GLY D 26 26.00 15.27 9.39
N ASP D 27 25.43 14.40 10.26
CA ASP D 27 26.20 13.56 11.18
C ASP D 27 26.95 12.44 10.42
N LEU D 28 28.21 12.15 10.81
CA LEU D 28 29.03 11.10 10.20
C LEU D 28 28.73 9.74 10.83
N VAL D 29 28.46 8.73 9.99
CA VAL D 29 28.13 7.38 10.45
C VAL D 29 28.87 6.26 9.71
N TRP D 30 28.84 5.07 10.31
CA TRP D 30 29.30 3.84 9.70
C TRP D 30 27.98 3.14 9.34
N SER D 31 27.88 2.53 8.14
CA SER D 31 26.67 1.83 7.75
C SER D 31 26.97 0.49 7.09
N LYS D 32 26.24 -0.57 7.49
CA LYS D 32 26.35 -1.93 6.94
C LYS D 32 25.12 -2.17 6.04
N VAL D 33 25.33 -2.17 4.72
CA VAL D 33 24.29 -2.34 3.71
C VAL D 33 24.64 -3.53 2.82
N GLY D 34 23.74 -4.51 2.75
CA GLY D 34 23.92 -5.72 1.96
C GLY D 34 25.19 -6.49 2.33
N THR D 35 26.06 -6.71 1.32
CA THR D 35 27.35 -7.40 1.50
C THR D 35 28.55 -6.43 1.46
N TYR D 36 28.28 -5.12 1.41
CA TYR D 36 29.32 -4.10 1.47
C TYR D 36 29.92 -4.14 2.88
N PRO D 37 31.23 -3.88 3.09
CA PRO D 37 31.74 -3.80 4.47
C PRO D 37 31.21 -2.52 5.15
N TRP D 38 31.51 -2.31 6.46
CA TRP D 38 31.08 -1.09 7.16
C TRP D 38 31.64 0.12 6.40
N TRP D 39 30.73 0.93 5.84
CA TRP D 39 31.05 2.05 4.97
C TRP D 39 30.88 3.43 5.60
N PRO D 40 31.84 4.38 5.42
CA PRO D 40 31.63 5.75 5.94
C PRO D 40 30.51 6.48 5.19
N CYS D 41 29.56 7.04 5.95
CA CYS D 41 28.39 7.74 5.43
C CYS D 41 28.14 9.07 6.14
N MET D 42 27.25 9.88 5.56
CA MET D 42 26.75 11.14 6.13
C MET D 42 25.25 10.99 6.13
N VAL D 43 24.62 11.31 7.28
CA VAL D 43 23.16 11.25 7.42
C VAL D 43 22.56 12.40 6.62
N SER D 44 21.58 12.08 5.76
CA SER D 44 20.91 13.06 4.90
C SER D 44 19.41 12.78 4.80
N SER D 45 18.67 13.74 4.23
CA SER D 45 17.25 13.64 4.03
C SER D 45 16.99 12.99 2.67
N ASP D 46 15.95 12.13 2.60
CA ASP D 46 15.53 11.45 1.38
C ASP D 46 14.94 12.54 0.47
N PRO D 47 15.44 12.66 -0.78
CA PRO D 47 14.92 13.71 -1.69
C PRO D 47 13.41 13.64 -1.95
N GLN D 48 12.84 12.43 -1.95
CA GLN D 48 11.42 12.18 -2.21
C GLN D 48 10.56 12.24 -0.95
N LEU D 49 10.97 11.52 0.11
CA LEU D 49 10.24 11.43 1.39
C LEU D 49 10.30 12.68 2.25
N GLU D 50 11.41 13.47 2.14
CA GLU D 50 11.68 14.70 2.92
C GLU D 50 11.86 14.43 4.44
N VAL D 51 12.57 13.35 4.78
CA VAL D 51 12.95 12.91 6.15
C VAL D 51 14.35 12.24 6.10
N HIS D 52 15.11 12.33 7.21
CA HIS D 52 16.38 11.65 7.38
C HIS D 52 16.17 10.41 8.26
N THR D 53 14.97 10.30 8.87
CA THR D 53 14.60 9.21 9.77
C THR D 53 13.09 8.89 9.73
N LYS D 54 12.75 7.64 10.04
CA LYS D 54 11.37 7.12 10.09
C LYS D 54 11.26 5.88 10.99
N ILE D 55 10.02 5.46 11.28
CA ILE D 55 9.71 4.27 12.06
C ILE D 55 9.06 3.28 11.10
N ASN D 56 9.69 2.09 10.92
CA ASN D 56 9.16 1.05 10.02
C ASN D 56 7.92 0.36 10.62
N THR D 57 7.23 -0.47 9.81
CA THR D 57 5.99 -1.17 10.16
C THR D 57 6.15 -2.04 11.44
N ARG D 58 7.39 -2.47 11.74
CA ARG D 58 7.72 -3.29 12.91
C ARG D 58 7.99 -2.43 14.16
N GLY D 59 8.13 -1.12 13.97
CA GLY D 59 8.37 -0.17 15.05
C GLY D 59 9.83 0.19 15.30
N ALA D 60 10.74 -0.19 14.38
CA ALA D 60 12.16 0.10 14.50
C ALA D 60 12.51 1.39 13.76
N ARG D 61 13.51 2.12 14.27
CA ARG D 61 13.98 3.37 13.68
C ARG D 61 14.97 3.13 12.54
N GLU D 62 14.78 3.85 11.42
CA GLU D 62 15.63 3.79 10.24
C GLU D 62 16.22 5.16 9.95
N TYR D 63 17.38 5.18 9.28
CA TYR D 63 18.12 6.37 8.91
C TYR D 63 18.50 6.38 7.43
N HIS D 64 18.39 7.55 6.77
CA HIS D 64 18.77 7.72 5.38
C HIS D 64 20.22 8.24 5.38
N VAL D 65 21.14 7.49 4.75
CA VAL D 65 22.55 7.81 4.72
C VAL D 65 23.12 7.85 3.30
N GLN D 66 23.90 8.89 3.00
CA GLN D 66 24.56 8.98 1.71
C GLN D 66 26.00 8.52 1.88
N PHE D 67 26.40 7.53 1.09
CA PHE D 67 27.73 6.91 1.13
C PHE D 67 28.82 7.85 0.62
N PHE D 68 30.00 7.83 1.30
CA PHE D 68 31.17 8.59 0.88
C PHE D 68 31.90 7.74 -0.16
N SER D 69 32.06 8.29 -1.38
CA SER D 69 32.72 7.65 -2.53
C SER D 69 32.70 8.61 -3.72
N ASN D 70 33.32 8.20 -4.84
CA ASN D 70 33.37 8.98 -6.08
C ASN D 70 32.00 9.01 -6.75
N GLN D 71 31.28 7.88 -6.70
CA GLN D 71 29.95 7.75 -7.29
C GLN D 71 28.86 7.87 -6.21
N PRO D 72 27.85 8.73 -6.40
CA PRO D 72 26.81 8.88 -5.37
C PRO D 72 25.94 7.63 -5.14
N GLU D 73 25.74 7.31 -3.85
CA GLU D 73 24.93 6.18 -3.39
C GLU D 73 24.23 6.53 -2.10
N ARG D 74 22.96 6.10 -1.97
CA ARG D 74 22.13 6.36 -0.80
C ARG D 74 21.29 5.14 -0.43
N ALA D 75 20.91 5.02 0.86
CA ALA D 75 20.10 3.90 1.35
C ALA D 75 19.42 4.22 2.68
N TRP D 76 18.27 3.55 2.93
CA TRP D 76 17.55 3.59 4.20
C TRP D 76 18.07 2.40 5.00
N VAL D 77 18.80 2.70 6.09
CA VAL D 77 19.48 1.73 6.95
C VAL D 77 18.83 1.64 8.34
N HIS D 78 18.65 0.39 8.85
CA HIS D 78 18.11 0.09 10.17
C HIS D 78 19.05 0.59 11.27
N GLU D 79 18.49 1.06 12.40
CA GLU D 79 19.22 1.61 13.56
C GLU D 79 20.39 0.73 14.06
N LYS D 80 20.19 -0.61 14.08
CA LYS D 80 21.18 -1.60 14.50
C LYS D 80 22.40 -1.69 13.57
N ARG D 81 22.24 -1.20 12.32
CA ARG D 81 23.27 -1.19 11.28
C ARG D 81 23.84 0.22 11.01
N VAL D 82 23.57 1.19 11.91
CA VAL D 82 24.06 2.57 11.85
C VAL D 82 24.84 2.83 13.16
N ARG D 83 26.12 3.23 13.04
CA ARG D 83 27.00 3.53 14.18
C ARG D 83 27.65 4.89 14.01
N GLU D 84 28.03 5.55 15.10
CA GLU D 84 28.67 6.86 15.06
C GLU D 84 30.08 6.72 14.50
N TYR D 85 30.47 7.60 13.56
CA TYR D 85 31.80 7.62 12.95
C TYR D 85 32.71 8.51 13.78
N LYS D 86 33.67 7.89 14.49
CA LYS D 86 34.63 8.57 15.35
C LYS D 86 36.00 8.68 14.68
N GLY D 87 36.28 7.75 13.77
CA GLY D 87 37.53 7.68 13.03
C GLY D 87 37.67 6.38 12.28
N HIS D 88 38.58 6.34 11.28
CA HIS D 88 38.84 5.17 10.44
C HIS D 88 39.31 3.94 11.23
N LYS D 89 40.08 4.15 12.32
CA LYS D 89 40.67 3.12 13.17
C LYS D 89 39.65 2.22 13.86
N GLN D 90 38.40 2.69 14.06
CA GLN D 90 37.36 1.88 14.72
C GLN D 90 36.70 0.87 13.76
N TYR D 91 37.20 0.76 12.51
CA TYR D 91 36.72 -0.21 11.52
C TYR D 91 37.05 -1.64 12.00
N GLU D 92 38.23 -1.80 12.63
CA GLU D 92 38.72 -3.06 13.20
C GLU D 92 37.84 -3.52 14.37
N GLU D 93 37.25 -2.55 15.12
CA GLU D 93 36.35 -2.80 16.25
C GLU D 93 35.01 -3.36 15.74
N LEU D 94 34.57 -2.89 14.55
CA LEU D 94 33.33 -3.30 13.89
C LEU D 94 33.49 -4.67 13.22
N LEU D 95 34.66 -4.92 12.60
CA LEU D 95 35.01 -6.18 11.95
C LEU D 95 35.14 -7.29 13.00
N ALA D 96 35.60 -6.94 14.23
CA ALA D 96 35.76 -7.86 15.36
C ALA D 96 34.40 -8.37 15.84
N GLU D 97 33.36 -7.52 15.77
CA GLU D 97 31.98 -7.84 16.14
C GLU D 97 31.39 -8.90 15.20
N ALA D 98 31.61 -8.73 13.87
CA ALA D 98 31.14 -9.65 12.84
C ALA D 98 32.17 -10.75 12.56
N PRO D 114 37.78 -10.96 0.56
CA PRO D 114 37.99 -10.91 -0.89
C PRO D 114 37.07 -9.90 -1.58
N ARG D 115 37.18 -8.62 -1.17
CA ARG D 115 36.36 -7.55 -1.75
C ARG D 115 36.87 -7.11 -3.14
N PRO D 116 35.96 -6.77 -4.10
CA PRO D 116 36.41 -6.36 -5.44
C PRO D 116 37.28 -5.11 -5.45
N GLN D 117 38.29 -5.08 -6.36
CA GLN D 117 39.25 -3.98 -6.52
C GLN D 117 38.57 -2.62 -6.72
N ARG D 118 37.52 -2.56 -7.57
CA ARG D 118 36.75 -1.33 -7.83
C ARG D 118 36.10 -0.80 -6.55
N GLU D 119 35.51 -1.71 -5.75
CA GLU D 119 34.85 -1.41 -4.48
C GLU D 119 35.82 -1.00 -3.38
N ARG D 120 36.98 -1.70 -3.28
CA ARG D 120 38.05 -1.42 -2.30
C ARG D 120 38.66 -0.03 -2.48
N ALA D 121 38.78 0.42 -3.75
CA ALA D 121 39.26 1.74 -4.14
C ALA D 121 38.26 2.82 -3.69
N GLN D 122 36.95 2.56 -3.90
CA GLN D 122 35.85 3.46 -3.53
C GLN D 122 35.73 3.63 -2.02
N TRP D 123 36.04 2.56 -1.25
CA TRP D 123 36.05 2.58 0.21
C TRP D 123 37.18 3.45 0.74
N ASP D 124 38.38 3.36 0.13
CA ASP D 124 39.57 4.16 0.48
C ASP D 124 39.32 5.65 0.24
N ILE D 125 38.61 5.99 -0.87
CA ILE D 125 38.23 7.36 -1.22
C ILE D 125 37.22 7.88 -0.18
N GLY D 126 36.26 7.02 0.18
CA GLY D 126 35.24 7.30 1.17
C GLY D 126 35.79 7.58 2.55
N ILE D 127 36.83 6.83 2.97
CA ILE D 127 37.52 6.98 4.25
C ILE D 127 38.23 8.35 4.28
N ALA D 128 38.91 8.71 3.18
CA ALA D 128 39.59 10.01 3.02
C ALA D 128 38.59 11.18 3.12
N HIS D 129 37.40 11.04 2.52
CA HIS D 129 36.36 12.07 2.59
C HIS D 129 35.77 12.21 3.98
N ALA D 130 35.58 11.08 4.68
CA ALA D 130 35.04 11.05 6.04
C ALA D 130 36.01 11.65 7.05
N GLU D 131 37.33 11.46 6.85
CA GLU D 131 38.40 11.98 7.70
C GLU D 131 38.53 13.50 7.60
N LYS D 132 38.28 14.05 6.40
CA LYS D 132 38.29 15.50 6.14
C LYS D 132 37.04 16.14 6.79
N ALA D 133 35.87 15.46 6.68
CA ALA D 133 34.58 15.89 7.24
C ALA D 133 34.57 15.88 8.77
N LEU D 134 35.41 15.04 9.41
CA LEU D 134 35.55 14.99 10.87
C LEU D 134 36.16 16.28 11.42
N LYS D 135 36.96 16.98 10.58
CA LYS D 135 37.62 18.26 10.88
C LYS D 135 36.68 19.46 10.66
N MET D 136 35.42 19.20 10.24
CA MET D 136 34.36 20.18 9.98
C MET D 136 33.23 20.00 10.99
N THR D 137 32.33 21.00 11.10
CA THR D 137 31.13 20.88 11.93
C THR D 137 30.04 20.26 11.06
N ARG D 138 28.92 19.76 11.66
CA ARG D 138 27.82 19.15 10.91
C ARG D 138 27.24 20.10 9.84
N GLU D 139 27.19 21.42 10.14
CA GLU D 139 26.72 22.48 9.25
C GLU D 139 27.59 22.66 8.00
N GLU D 140 28.92 22.54 8.17
CA GLU D 140 29.92 22.65 7.10
C GLU D 140 29.87 21.43 6.18
N ARG D 141 29.65 20.24 6.77
CA ARG D 141 29.51 18.94 6.09
C ARG D 141 28.34 18.95 5.11
N ILE D 142 27.21 19.56 5.52
CA ILE D 142 26.00 19.67 4.70
C ILE D 142 26.31 20.46 3.43
N GLU D 143 26.90 21.66 3.56
CA GLU D 143 27.25 22.56 2.46
C GLU D 143 28.27 21.96 1.49
N GLN D 144 29.19 21.12 2.01
CA GLN D 144 30.26 20.50 1.23
C GLN D 144 29.93 19.15 0.57
N TYR D 145 29.18 18.28 1.27
CA TYR D 145 28.97 16.91 0.78
C TYR D 145 27.54 16.49 0.37
N THR D 146 26.48 17.28 0.68
CA THR D 146 25.10 16.91 0.31
C THR D 146 24.94 16.77 -1.21
N PHE D 147 24.40 15.61 -1.66
CA PHE D 147 24.18 15.28 -3.07
C PHE D 147 23.22 16.23 -3.75
N ILE D 148 23.51 16.54 -5.03
CA ILE D 148 22.71 17.41 -5.87
C ILE D 148 21.66 16.53 -6.57
N TYR D 149 20.38 16.85 -6.40
CA TYR D 149 19.26 16.11 -6.98
C TYR D 149 18.55 16.94 -8.04
#